data_6P4Y
#
_entry.id   6P4Y
#
_cell.length_a   37.372
_cell.length_b   78.496
_cell.length_c   69.480
_cell.angle_alpha   90.00
_cell.angle_beta   96.23
_cell.angle_gamma   90.00
#
_symmetry.space_group_name_H-M   'P 1 21 1'
#
loop_
_entity.id
_entity.type
_entity.pdbx_description
1 polymer '4A10 Fab heavy chain'
2 polymer '4A10 Fab light chain'
3 water water
#
loop_
_entity_poly.entity_id
_entity_poly.type
_entity_poly.pdbx_seq_one_letter_code
_entity_poly.pdbx_strand_id
1 'polypeptide(L)'
;QVQLQQPGAELVMPGASVKLSCKASGYTFTSYWMHWVKQRPGEGLEWIGEIDPSDSYTNDNQKFKGKATLTVDKSSSTAY
MQLSSLTSEDSAVYYCARRLYSNSYYYAMDYWGQGTSVTVSSAKTTPPSVYPLAPGSAAQTNSMVTLGCLVKGYFPEPVT
VTWNSGSLSSGVHTFPAVLQSDLYTLSSSVTVPSSTWPSQTVTCNVAHPASSTKVDKKIVPRDCG
;
H
2 'polypeptide(L)'
;DIQMTQSPSSLSASLGGKVTITCKASQDIKKYIAWYQHKPGKGPRLLIHYTSTLQPGIPSRFSGSGSGRDYSFSISNLEP
VDIATYYCLQYDNLLTFGAGTKLELKRADAAPTVSIFPPSSEQLTSGGASVVCFLNNFYPRDINVKWKIDGSERQNGVLN
SWTDQDSKDSTYNMSSTLTLTKDEYERHNSYTCEATHKTSTSPIVKSFNRNEC
;
L
#
# COMPACT_ATOMS: atom_id res chain seq x y z
N GLN A 1 20.69 -16.66 8.61
CA GLN A 1 21.22 -16.41 7.27
C GLN A 1 20.39 -17.14 6.21
N VAL A 2 19.19 -17.59 6.59
CA VAL A 2 18.24 -18.06 5.57
C VAL A 2 17.94 -16.90 4.64
N GLN A 3 18.04 -17.15 3.34
CA GLN A 3 17.76 -16.12 2.33
C GLN A 3 16.90 -16.72 1.24
N LEU A 4 15.81 -16.03 0.90
CA LEU A 4 14.95 -16.44 -0.21
C LEU A 4 14.94 -15.29 -1.20
N GLN A 5 15.49 -15.50 -2.39
CA GLN A 5 15.71 -14.41 -3.33
C GLN A 5 14.70 -14.52 -4.48
N GLN A 6 13.90 -13.47 -4.66
CA GLN A 6 12.85 -13.41 -5.66
C GLN A 6 13.09 -12.25 -6.61
N PRO A 7 12.78 -12.41 -7.90
CA PRO A 7 12.92 -11.30 -8.85
C PRO A 7 12.09 -10.10 -8.44
N GLY A 8 12.50 -8.94 -8.94
CA GLY A 8 11.70 -7.75 -8.85
C GLY A 8 10.51 -7.85 -9.79
N ALA A 9 9.73 -6.77 -9.83
CA ALA A 9 8.40 -6.79 -10.43
C ALA A 9 8.46 -7.18 -11.90
N GLU A 10 7.34 -7.73 -12.38
CA GLU A 10 7.20 -8.16 -13.76
C GLU A 10 5.89 -7.61 -14.33
N LEU A 11 5.88 -7.38 -15.64
CA LEU A 11 4.71 -6.85 -16.33
C LEU A 11 4.47 -7.69 -17.57
N VAL A 12 3.28 -8.31 -17.67
CA VAL A 12 2.96 -9.16 -18.82
C VAL A 12 1.54 -8.88 -19.25
N MET A 13 1.23 -9.32 -20.48
CA MET A 13 -0.08 -9.14 -21.07
C MET A 13 -1.03 -10.27 -20.70
N PRO A 14 -2.32 -9.96 -20.68
CA PRO A 14 -3.34 -10.99 -20.46
C PRO A 14 -3.15 -12.15 -21.44
N GLY A 15 -3.30 -13.37 -20.92
CA GLY A 15 -3.12 -14.56 -21.71
C GLY A 15 -1.72 -15.14 -21.69
N ALA A 16 -0.75 -14.41 -21.14
CA ALA A 16 0.61 -14.90 -21.02
C ALA A 16 0.71 -15.94 -19.91
N SER A 17 1.93 -16.44 -19.72
CA SER A 17 2.27 -17.26 -18.56
C SER A 17 3.60 -16.78 -18.02
N VAL A 18 3.80 -17.02 -16.72
CA VAL A 18 5.07 -16.67 -16.09
C VAL A 18 5.50 -17.83 -15.22
N LYS A 19 6.80 -17.93 -14.99
CA LYS A 19 7.36 -18.94 -14.11
C LYS A 19 8.25 -18.20 -13.13
N LEU A 20 7.74 -18.05 -11.91
CA LEU A 20 8.42 -17.30 -10.86
C LEU A 20 9.46 -18.18 -10.19
N SER A 21 10.53 -17.56 -9.73
CA SER A 21 11.64 -18.27 -9.14
C SER A 21 11.89 -17.79 -7.72
N CYS A 22 12.49 -18.67 -6.93
CA CYS A 22 12.78 -18.40 -5.53
C CYS A 22 14.06 -19.15 -5.20
N LYS A 23 15.15 -18.41 -5.04
CA LYS A 23 16.48 -18.97 -4.84
C LYS A 23 16.78 -18.95 -3.35
N ALA A 24 16.98 -20.13 -2.78
CA ALA A 24 17.15 -20.26 -1.35
C ALA A 24 18.61 -20.48 -1.02
N SER A 25 19.03 -19.94 0.12
CA SER A 25 20.39 -20.11 0.61
C SER A 25 20.38 -20.02 2.12
N GLY A 26 21.44 -20.54 2.74
CA GLY A 26 21.59 -20.47 4.17
C GLY A 26 21.08 -21.67 4.93
N TYR A 27 20.60 -22.71 4.24
CA TYR A 27 20.12 -23.92 4.87
C TYR A 27 20.15 -25.04 3.84
N THR A 28 19.90 -26.26 4.30
CA THR A 28 19.86 -27.43 3.42
C THR A 28 18.53 -27.42 2.67
N PHE A 29 18.59 -27.09 1.38
CA PHE A 29 17.38 -26.92 0.57
C PHE A 29 16.40 -28.08 0.74
N THR A 30 16.89 -29.31 0.66
CA THR A 30 16.01 -30.48 0.65
C THR A 30 15.45 -30.84 2.02
N SER A 31 15.82 -30.16 3.10
CA SER A 31 15.34 -30.51 4.42
C SER A 31 14.12 -29.70 4.86
N TYR A 32 13.70 -28.73 4.06
CA TYR A 32 12.58 -27.85 4.40
C TYR A 32 11.67 -27.69 3.18
N TRP A 33 10.36 -27.69 3.39
CA TRP A 33 9.49 -27.49 2.25
C TRP A 33 9.39 -26.01 1.91
N MET A 34 8.74 -25.72 0.77
CA MET A 34 8.59 -24.35 0.30
C MET A 34 7.12 -24.10 0.00
N HIS A 35 6.62 -22.92 0.40
CA HIS A 35 5.27 -22.46 0.15
C HIS A 35 5.27 -21.35 -0.88
N TRP A 36 4.11 -21.15 -1.52
CA TRP A 36 3.84 -19.96 -2.33
C TRP A 36 2.51 -19.37 -1.89
N VAL A 37 2.44 -18.04 -1.89
CA VAL A 37 1.34 -17.26 -1.32
C VAL A 37 1.08 -16.09 -2.25
N LYS A 38 -0.20 -15.77 -2.49
CA LYS A 38 -0.63 -14.66 -3.34
C LYS A 38 -1.18 -13.51 -2.50
N GLN A 39 -0.91 -12.26 -2.91
CA GLN A 39 -1.54 -11.11 -2.24
C GLN A 39 -1.95 -10.09 -3.30
N ARG A 40 -3.27 -9.95 -3.52
CA ARG A 40 -3.80 -8.94 -4.44
C ARG A 40 -3.64 -7.54 -3.84
N PRO A 41 -3.55 -6.50 -4.68
CA PRO A 41 -3.43 -5.13 -4.17
C PRO A 41 -4.52 -4.80 -3.16
N GLY A 42 -4.13 -4.39 -1.95
CA GLY A 42 -5.10 -3.98 -0.95
C GLY A 42 -5.88 -5.10 -0.29
N GLU A 43 -5.54 -6.36 -0.56
CA GLU A 43 -6.25 -7.49 0.02
C GLU A 43 -5.29 -8.32 0.87
N GLY A 44 -5.77 -9.46 1.35
CA GLY A 44 -5.02 -10.29 2.27
C GLY A 44 -4.19 -11.35 1.57
N LEU A 45 -3.52 -12.14 2.39
CA LEU A 45 -2.69 -13.25 1.92
C LEU A 45 -3.54 -14.47 1.61
N GLU A 46 -3.20 -15.16 0.53
CA GLU A 46 -3.93 -16.37 0.12
C GLU A 46 -2.94 -17.48 -0.23
N TRP A 47 -3.00 -18.58 0.49
CA TRP A 47 -2.08 -19.69 0.25
C TRP A 47 -2.38 -20.34 -1.10
N ILE A 48 -1.30 -20.66 -1.84
CA ILE A 48 -1.38 -21.33 -3.14
C ILE A 48 -1.03 -22.81 -3.00
N GLY A 49 0.16 -23.13 -2.47
CA GLY A 49 0.53 -24.55 -2.34
C GLY A 49 1.89 -24.69 -1.68
N GLU A 50 2.26 -25.95 -1.40
CA GLU A 50 3.56 -26.25 -0.82
C GLU A 50 4.18 -27.44 -1.55
N ILE A 51 5.51 -27.52 -1.57
CA ILE A 51 6.22 -28.59 -2.25
C ILE A 51 7.37 -29.08 -1.39
N ASP A 52 7.58 -30.40 -1.39
CA ASP A 52 8.69 -31.01 -0.69
C ASP A 52 9.82 -31.15 -1.70
N PRO A 53 10.93 -30.40 -1.55
CA PRO A 53 11.98 -30.43 -2.57
C PRO A 53 12.67 -31.76 -2.72
N SER A 54 12.63 -32.61 -1.68
CA SER A 54 13.36 -33.87 -1.76
C SER A 54 12.75 -34.81 -2.79
N ASP A 55 11.43 -34.74 -3.02
CA ASP A 55 10.78 -35.67 -3.94
C ASP A 55 9.71 -35.02 -4.80
N SER A 56 9.56 -33.70 -4.72
CA SER A 56 8.58 -32.93 -5.51
C SER A 56 7.13 -33.31 -5.21
N TYR A 57 6.87 -33.88 -4.03
CA TYR A 57 5.48 -34.00 -3.57
C TYR A 57 4.89 -32.61 -3.33
N THR A 58 3.61 -32.42 -3.70
CA THR A 58 2.93 -31.13 -3.47
C THR A 58 1.52 -31.34 -2.97
N ASN A 59 1.01 -30.37 -2.23
CA ASN A 59 -0.43 -30.22 -2.03
C ASN A 59 -0.77 -28.74 -2.15
N ASP A 60 -2.01 -28.44 -2.51
CA ASP A 60 -2.29 -27.08 -2.95
C ASP A 60 -3.72 -26.67 -2.60
N ASN A 61 -3.97 -25.37 -2.75
CA ASN A 61 -5.29 -24.80 -2.68
C ASN A 61 -6.04 -25.15 -3.97
N GLN A 62 -7.22 -25.76 -3.83
CA GLN A 62 -7.96 -26.19 -5.02
C GLN A 62 -8.35 -25.05 -5.93
N LYS A 63 -8.43 -23.82 -5.42
CA LYS A 63 -8.77 -22.68 -6.28
C LYS A 63 -7.71 -22.46 -7.36
N PHE A 64 -6.50 -23.00 -7.19
CA PHE A 64 -5.42 -22.77 -8.13
C PHE A 64 -5.15 -23.97 -9.02
N LYS A 65 -5.99 -25.01 -8.99
CA LYS A 65 -5.78 -26.15 -9.87
C LYS A 65 -5.88 -25.69 -11.32
N GLY A 66 -4.92 -26.13 -12.14
CA GLY A 66 -4.85 -25.66 -13.51
C GLY A 66 -4.31 -24.25 -13.66
N LYS A 67 -4.05 -23.53 -12.57
CA LYS A 67 -3.50 -22.18 -12.64
C LYS A 67 -2.05 -22.12 -12.17
N ALA A 68 -1.73 -22.77 -11.04
CA ALA A 68 -0.38 -22.75 -10.48
C ALA A 68 0.22 -24.15 -10.51
N THR A 69 1.50 -24.23 -10.85
CA THR A 69 2.26 -25.48 -10.90
C THR A 69 3.58 -25.26 -10.19
N LEU A 70 3.85 -26.03 -9.15
CA LEU A 70 5.07 -25.86 -8.35
C LEU A 70 6.08 -26.92 -8.73
N THR A 71 7.35 -26.51 -8.88
CA THR A 71 8.46 -27.44 -9.09
C THR A 71 9.69 -26.92 -8.35
N VAL A 72 10.74 -27.75 -8.30
CA VAL A 72 12.02 -27.35 -7.74
C VAL A 72 13.13 -27.78 -8.68
N ASP A 73 14.30 -27.18 -8.49
CA ASP A 73 15.55 -27.63 -9.11
C ASP A 73 16.56 -27.81 -7.98
N LYS A 74 16.78 -29.05 -7.56
CA LYS A 74 17.61 -29.32 -6.39
C LYS A 74 19.05 -28.85 -6.59
N SER A 75 19.60 -29.04 -7.80
CA SER A 75 21.00 -28.70 -7.99
C SER A 75 21.26 -27.21 -7.84
N SER A 76 20.26 -26.37 -8.09
CA SER A 76 20.41 -24.92 -7.94
C SER A 76 19.72 -24.35 -6.71
N SER A 77 19.11 -25.20 -5.87
CA SER A 77 18.39 -24.75 -4.66
C SER A 77 17.38 -23.65 -4.99
N THR A 78 16.61 -23.87 -6.05
CA THR A 78 15.59 -22.94 -6.51
C THR A 78 14.23 -23.61 -6.59
N ALA A 79 13.19 -22.91 -6.14
CA ALA A 79 11.81 -23.35 -6.28
C ALA A 79 11.11 -22.47 -7.32
N TYR A 80 10.17 -23.05 -8.04
CA TYR A 80 9.49 -22.37 -9.15
C TYR A 80 7.98 -22.50 -9.01
N MET A 81 7.26 -21.47 -9.44
CA MET A 81 5.81 -21.56 -9.58
C MET A 81 5.42 -21.00 -10.94
N GLN A 82 4.79 -21.84 -11.77
CA GLN A 82 4.30 -21.40 -13.07
C GLN A 82 2.83 -21.03 -12.94
N LEU A 83 2.49 -19.85 -13.46
CA LEU A 83 1.12 -19.34 -13.51
C LEU A 83 0.69 -19.26 -14.96
N SER A 84 -0.42 -19.88 -15.29
CA SER A 84 -0.82 -20.00 -16.69
C SER A 84 -2.07 -19.20 -16.98
N SER A 85 -2.23 -18.86 -18.27
CA SER A 85 -3.41 -18.18 -18.82
C SER A 85 -3.81 -16.98 -17.96
N LEU A 86 -2.92 -15.99 -17.91
CA LEU A 86 -3.06 -14.90 -16.94
C LEU A 86 -4.14 -13.90 -17.33
N THR A 87 -4.86 -13.40 -16.32
CA THR A 87 -5.86 -12.34 -16.46
C THR A 87 -5.55 -11.25 -15.44
N SER A 88 -6.31 -10.16 -15.47
CA SER A 88 -6.05 -9.10 -14.52
C SER A 88 -6.32 -9.55 -13.08
N GLU A 89 -7.16 -10.56 -12.89
CA GLU A 89 -7.36 -11.11 -11.54
C GLU A 89 -6.11 -11.77 -10.97
N ASP A 90 -5.08 -12.00 -11.79
CA ASP A 90 -3.84 -12.59 -11.32
C ASP A 90 -2.79 -11.55 -10.94
N SER A 91 -3.05 -10.26 -11.16
CA SER A 91 -2.12 -9.23 -10.71
C SER A 91 -2.03 -9.23 -9.20
N ALA A 92 -0.82 -9.40 -8.67
CA ALA A 92 -0.65 -9.68 -7.24
C ALA A 92 0.84 -9.70 -6.94
N VAL A 93 1.16 -9.60 -5.65
CA VAL A 93 2.50 -9.94 -5.20
C VAL A 93 2.48 -11.41 -4.83
N TYR A 94 3.48 -12.15 -5.30
CA TYR A 94 3.61 -13.58 -5.04
C TYR A 94 4.85 -13.78 -4.18
N TYR A 95 4.67 -14.42 -3.03
CA TYR A 95 5.76 -14.69 -2.09
C TYR A 95 6.12 -16.16 -2.10
N CYS A 96 7.41 -16.48 -1.97
CA CYS A 96 7.76 -17.82 -1.51
C CYS A 96 8.12 -17.73 -0.03
N ALA A 97 7.90 -18.84 0.70
CA ALA A 97 8.27 -18.88 2.09
C ALA A 97 8.72 -20.30 2.46
N ARG A 98 9.77 -20.39 3.28
CA ARG A 98 10.23 -21.70 3.74
C ARG A 98 9.30 -22.22 4.84
N ARG A 99 9.05 -23.52 4.81
CA ARG A 99 8.29 -24.16 5.87
C ARG A 99 9.18 -24.41 7.07
N LEU A 100 8.61 -24.26 8.27
CA LEU A 100 9.26 -24.80 9.46
C LEU A 100 9.62 -26.26 9.25
N TYR A 101 10.70 -26.71 9.87
CA TYR A 101 11.05 -28.13 9.80
C TYR A 101 9.87 -28.97 10.25
N SER A 102 9.52 -30.00 9.47
CA SER A 102 8.36 -30.83 9.76
C SER A 102 8.30 -31.99 8.77
N ASN A 103 7.86 -33.16 9.26
CA ASN A 103 7.53 -34.28 8.38
C ASN A 103 6.03 -34.43 8.14
N SER A 104 5.23 -33.48 8.59
CA SER A 104 3.79 -33.53 8.38
C SER A 104 3.42 -33.16 6.95
N TYR A 105 2.17 -33.45 6.59
CA TYR A 105 1.67 -33.10 5.26
C TYR A 105 1.53 -31.58 5.11
N TYR A 106 1.13 -30.88 6.17
CA TYR A 106 0.87 -29.45 6.16
C TYR A 106 1.56 -28.83 7.36
N TYR A 107 2.15 -27.65 7.18
CA TYR A 107 2.81 -26.98 8.29
C TYR A 107 3.06 -25.52 7.94
N ALA A 108 3.20 -24.70 8.99
CA ALA A 108 3.34 -23.26 8.86
C ALA A 108 4.72 -22.86 8.30
N MET A 109 4.79 -21.64 7.76
CA MET A 109 6.03 -21.12 7.18
C MET A 109 6.77 -20.27 8.21
N ASP A 110 8.10 -20.18 8.07
CA ASP A 110 8.88 -19.29 8.95
C ASP A 110 9.45 -18.10 8.17
N TYR A 111 10.40 -18.30 7.26
CA TYR A 111 11.04 -17.19 6.56
C TYR A 111 10.39 -16.95 5.20
N TRP A 112 10.08 -15.69 4.91
CA TRP A 112 9.44 -15.29 3.65
C TRP A 112 10.41 -14.57 2.73
N GLY A 113 10.25 -14.78 1.43
CA GLY A 113 10.88 -13.91 0.46
C GLY A 113 10.24 -12.52 0.47
N GLN A 114 10.82 -11.61 -0.30
CA GLN A 114 10.27 -10.26 -0.34
C GLN A 114 9.11 -10.13 -1.32
N GLY A 115 8.87 -11.14 -2.16
CA GLY A 115 7.73 -11.09 -3.05
C GLY A 115 8.05 -10.60 -4.43
N THR A 116 7.42 -11.16 -5.45
CA THR A 116 7.51 -10.66 -6.82
C THR A 116 6.16 -10.06 -7.21
N SER A 117 6.15 -8.77 -7.51
CA SER A 117 4.94 -8.14 -8.02
C SER A 117 4.75 -8.52 -9.48
N VAL A 118 3.58 -9.08 -9.81
CA VAL A 118 3.26 -9.42 -11.19
C VAL A 118 2.03 -8.62 -11.60
N THR A 119 2.16 -7.80 -12.63
CA THR A 119 1.04 -7.04 -13.17
C THR A 119 0.64 -7.61 -14.52
N VAL A 120 -0.64 -7.85 -14.72
CA VAL A 120 -1.17 -8.41 -15.95
C VAL A 120 -2.00 -7.30 -16.58
N SER A 121 -1.53 -6.77 -17.70
CA SER A 121 -2.16 -5.58 -18.27
C SER A 121 -1.78 -5.44 -19.74
N SER A 122 -2.70 -4.86 -20.52
CA SER A 122 -2.38 -4.50 -21.89
C SER A 122 -1.97 -3.04 -22.05
N ALA A 123 -1.92 -2.28 -20.96
CA ALA A 123 -1.48 -0.89 -21.06
C ALA A 123 -0.02 -0.82 -21.51
N LYS A 124 0.35 0.33 -22.06
CA LYS A 124 1.69 0.55 -22.61
C LYS A 124 2.44 1.60 -21.80
N THR A 125 3.77 1.51 -21.81
CA THR A 125 4.60 2.51 -21.13
C THR A 125 4.31 3.91 -21.69
N THR A 126 3.98 4.83 -20.79
CA THR A 126 3.46 6.16 -21.12
C THR A 126 4.15 7.15 -20.18
N PRO A 127 4.79 8.19 -20.71
CA PRO A 127 5.44 9.17 -19.83
C PRO A 127 4.39 10.10 -19.23
N PRO A 128 4.63 10.61 -18.02
CA PRO A 128 3.66 11.51 -17.39
C PRO A 128 3.75 12.91 -17.96
N SER A 129 2.64 13.64 -17.83
CA SER A 129 2.68 15.10 -17.86
C SER A 129 2.88 15.62 -16.45
N VAL A 130 3.71 16.64 -16.30
CA VAL A 130 4.09 17.16 -14.98
C VAL A 130 3.57 18.58 -14.85
N TYR A 131 2.68 18.82 -13.91
CA TYR A 131 2.03 20.11 -13.80
C TYR A 131 2.35 20.78 -12.47
N PRO A 132 2.78 22.04 -12.47
CA PRO A 132 3.06 22.73 -11.21
C PRO A 132 1.77 23.14 -10.51
N LEU A 133 1.79 23.09 -9.19
CA LEU A 133 0.65 23.50 -8.36
C LEU A 133 1.11 24.69 -7.53
N ALA A 134 0.67 25.90 -7.93
CA ALA A 134 0.96 27.15 -7.25
C ALA A 134 -0.30 27.71 -6.61
N PRO A 135 -0.21 28.32 -5.44
CA PRO A 135 -1.42 28.74 -4.72
C PRO A 135 -2.00 30.02 -5.32
N GLY A 136 -3.17 30.39 -4.81
CA GLY A 136 -3.80 31.65 -5.16
C GLY A 136 -3.20 32.82 -4.40
N SER A 137 -3.04 32.66 -3.10
CA SER A 137 -2.41 33.65 -2.22
C SER A 137 -2.25 33.12 -0.80
N ASN A 142 0.05 34.81 5.47
CA ASN A 142 0.18 33.37 5.65
C ASN A 142 1.66 33.00 5.77
N SER A 143 2.01 32.28 6.83
CA SER A 143 3.43 32.12 7.16
C SER A 143 4.08 30.92 6.47
N MET A 144 3.38 29.79 6.41
CA MET A 144 3.84 28.64 5.65
C MET A 144 3.04 28.54 4.36
N VAL A 145 3.72 28.35 3.25
CA VAL A 145 3.06 28.22 1.95
C VAL A 145 3.29 26.81 1.44
N THR A 146 2.24 26.19 0.92
CA THR A 146 2.32 24.84 0.39
C THR A 146 2.28 24.90 -1.13
N LEU A 147 3.22 24.20 -1.76
CA LEU A 147 3.30 24.07 -3.21
C LEU A 147 3.18 22.59 -3.56
N GLY A 148 3.01 22.30 -4.84
CA GLY A 148 3.01 20.89 -5.19
C GLY A 148 3.23 20.67 -6.66
N CYS A 149 3.23 19.42 -7.06
CA CYS A 149 3.16 19.15 -8.49
C CYS A 149 2.37 17.88 -8.74
N LEU A 150 1.69 17.88 -9.87
CA LEU A 150 0.79 16.82 -10.28
C LEU A 150 1.45 16.04 -11.40
N VAL A 151 1.60 14.73 -11.21
CA VAL A 151 2.28 13.83 -12.14
C VAL A 151 1.20 12.95 -12.74
N LYS A 152 0.75 13.28 -13.95
CA LYS A 152 -0.51 12.77 -14.46
C LYS A 152 -0.32 11.87 -15.68
N GLY A 153 -0.94 10.70 -15.64
CA GLY A 153 -1.11 9.87 -16.83
C GLY A 153 0.08 9.04 -17.26
N TYR A 154 0.72 8.33 -16.31
CA TYR A 154 1.90 7.53 -16.63
C TYR A 154 1.66 6.05 -16.37
N PHE A 155 2.50 5.21 -16.98
CA PHE A 155 2.45 3.76 -16.78
C PHE A 155 3.80 3.21 -17.20
N PRO A 156 4.37 2.24 -16.48
CA PRO A 156 3.89 1.66 -15.21
C PRO A 156 4.47 2.42 -14.03
N GLU A 157 4.18 1.94 -12.81
CA GLU A 157 4.87 2.48 -11.65
C GLU A 157 6.33 2.05 -11.69
N PRO A 158 7.22 2.76 -10.96
CA PRO A 158 6.99 3.94 -10.12
C PRO A 158 7.47 5.25 -10.74
N VAL A 159 7.11 6.34 -10.06
CA VAL A 159 7.66 7.66 -10.30
C VAL A 159 8.35 8.08 -9.01
N THR A 160 9.42 8.87 -9.11
CA THR A 160 10.04 9.49 -7.95
C THR A 160 9.92 11.00 -8.08
N VAL A 161 9.70 11.69 -6.95
CA VAL A 161 9.61 13.14 -6.90
C VAL A 161 10.55 13.64 -5.82
N THR A 162 11.44 14.56 -6.18
CA THR A 162 12.21 15.31 -5.20
C THR A 162 11.99 16.80 -5.43
N TRP A 163 12.42 17.60 -4.45
CA TRP A 163 12.23 19.05 -4.47
C TRP A 163 13.58 19.73 -4.30
N ASN A 164 13.89 20.63 -5.23
CA ASN A 164 15.18 21.34 -5.30
C ASN A 164 16.34 20.35 -5.25
N SER A 165 16.20 19.27 -6.03
CA SER A 165 17.20 18.20 -6.13
C SER A 165 17.54 17.61 -4.76
N GLY A 166 16.57 17.55 -3.87
CA GLY A 166 16.77 17.00 -2.54
C GLY A 166 17.07 18.02 -1.46
N SER A 167 17.36 19.27 -1.81
CA SER A 167 17.67 20.27 -0.78
C SER A 167 16.48 20.54 0.12
N LEU A 168 15.25 20.31 -0.35
CA LEU A 168 14.03 20.48 0.44
C LEU A 168 13.50 19.09 0.76
N SER A 169 13.51 18.72 2.06
CA SER A 169 13.09 17.40 2.48
C SER A 169 12.05 17.44 3.60
N SER A 170 12.13 18.42 4.47
CA SER A 170 11.14 18.58 5.54
C SER A 170 9.82 19.06 4.96
N GLY A 171 8.72 18.50 5.46
CA GLY A 171 7.43 18.90 4.94
C GLY A 171 7.18 18.52 3.49
N VAL A 172 7.80 17.44 3.01
CA VAL A 172 7.52 16.88 1.69
C VAL A 172 6.60 15.68 1.86
N HIS A 173 5.48 15.68 1.14
CA HIS A 173 4.54 14.56 1.15
C HIS A 173 4.30 14.14 -0.29
N THR A 174 4.49 12.85 -0.59
CA THR A 174 4.15 12.31 -1.90
C THR A 174 3.03 11.29 -1.74
N PHE A 175 1.99 11.42 -2.54
CA PHE A 175 0.84 10.59 -2.26
C PHE A 175 0.85 9.33 -3.12
N PRO A 176 0.25 8.24 -2.63
CA PRO A 176 0.14 7.03 -3.44
C PRO A 176 -0.62 7.30 -4.74
N ALA A 177 -0.15 6.68 -5.81
CA ALA A 177 -0.79 6.88 -7.11
C ALA A 177 -2.19 6.26 -7.12
N VAL A 178 -3.06 6.84 -7.95
CA VAL A 178 -4.40 6.32 -8.18
C VAL A 178 -4.54 6.09 -9.67
N LEU A 179 -5.48 5.20 -10.04
CA LEU A 179 -5.80 4.94 -11.43
C LEU A 179 -6.80 5.97 -11.91
N GLN A 180 -6.54 6.54 -13.07
CA GLN A 180 -7.44 7.51 -13.68
C GLN A 180 -7.33 7.31 -15.18
N SER A 181 -8.43 6.92 -15.82
CA SER A 181 -8.45 6.60 -17.25
C SER A 181 -7.44 5.50 -17.59
N ASP A 182 -7.31 4.54 -16.67
CA ASP A 182 -6.39 3.40 -16.81
C ASP A 182 -4.92 3.82 -16.98
N LEU A 183 -4.57 5.00 -16.47
CA LEU A 183 -3.17 5.37 -16.25
C LEU A 183 -3.04 5.84 -14.81
N TYR A 184 -1.81 5.98 -14.33
CA TYR A 184 -1.59 6.41 -12.96
C TYR A 184 -1.47 7.92 -12.82
N THR A 185 -1.92 8.44 -11.69
CA THR A 185 -1.74 9.86 -11.38
C THR A 185 -1.29 9.96 -9.94
N LEU A 186 -0.31 10.82 -9.67
CA LEU A 186 0.08 11.09 -8.28
C LEU A 186 0.36 12.58 -8.11
N SER A 187 0.45 12.98 -6.84
CA SER A 187 0.80 14.35 -6.51
C SER A 187 1.80 14.33 -5.37
N SER A 188 2.51 15.44 -5.24
CA SER A 188 3.51 15.66 -4.20
C SER A 188 3.39 17.08 -3.70
N SER A 189 3.63 17.29 -2.41
CA SER A 189 3.55 18.63 -1.85
C SER A 189 4.79 18.91 -1.03
N VAL A 190 5.12 20.20 -0.93
CA VAL A 190 6.19 20.69 -0.08
C VAL A 190 5.68 21.96 0.59
N THR A 191 6.01 22.13 1.86
CA THR A 191 5.63 23.33 2.60
C THR A 191 6.88 24.08 3.01
N VAL A 192 6.96 25.35 2.65
CA VAL A 192 8.13 26.16 2.94
C VAL A 192 7.68 27.45 3.61
N PRO A 193 8.60 28.17 4.27
CA PRO A 193 8.24 29.47 4.82
C PRO A 193 7.85 30.43 3.70
N SER A 194 6.88 31.31 3.99
CA SER A 194 6.47 32.27 2.97
C SER A 194 7.57 33.26 2.65
N SER A 195 8.57 33.39 3.51
CA SER A 195 9.74 34.19 3.15
C SER A 195 10.63 33.49 2.13
N THR A 196 10.44 32.18 1.92
CA THR A 196 11.28 31.45 0.97
C THR A 196 10.74 31.53 -0.46
N TRP A 197 9.44 31.33 -0.63
CA TRP A 197 8.82 31.34 -1.95
C TRP A 197 7.75 32.41 -2.00
N PRO A 198 7.65 33.18 -3.10
CA PRO A 198 8.36 33.01 -4.37
C PRO A 198 9.72 33.69 -4.48
N SER A 199 10.20 34.24 -3.37
CA SER A 199 11.50 34.91 -3.36
C SER A 199 12.61 34.01 -3.90
N GLN A 200 12.57 32.74 -3.56
CA GLN A 200 13.58 31.81 -4.04
C GLN A 200 12.93 30.73 -4.89
N THR A 201 13.75 30.10 -5.73
CA THR A 201 13.24 29.13 -6.68
C THR A 201 12.92 27.82 -5.96
N VAL A 202 11.71 27.30 -6.22
CA VAL A 202 11.30 25.97 -5.78
C VAL A 202 10.94 25.18 -7.03
N THR A 203 11.57 24.02 -7.20
CA THR A 203 11.47 23.21 -8.40
C THR A 203 11.17 21.77 -7.97
N CYS A 204 10.21 21.13 -8.61
CA CYS A 204 9.96 19.72 -8.37
C CYS A 204 10.65 18.91 -9.46
N ASN A 205 11.36 17.87 -9.06
CA ASN A 205 12.12 17.02 -9.97
C ASN A 205 11.42 15.67 -10.06
N VAL A 206 10.91 15.33 -11.24
CA VAL A 206 10.12 14.12 -11.45
C VAL A 206 10.90 13.19 -12.37
N ALA A 207 11.00 11.92 -11.99
CA ALA A 207 11.61 10.90 -12.82
C ALA A 207 10.66 9.71 -12.99
N HIS A 208 10.49 9.27 -14.24
CA HIS A 208 9.72 8.07 -14.57
C HIS A 208 10.68 7.17 -15.34
N PRO A 209 11.41 6.30 -14.65
CA PRO A 209 12.48 5.52 -15.32
C PRO A 209 12.00 4.72 -16.53
N ALA A 210 10.80 4.12 -16.44
CA ALA A 210 10.34 3.24 -17.51
C ALA A 210 10.22 3.95 -18.85
N SER A 211 10.00 5.27 -18.85
CA SER A 211 9.89 6.04 -20.08
C SER A 211 11.09 6.94 -20.31
N SER A 212 12.15 6.81 -19.51
CA SER A 212 13.31 7.71 -19.57
C SER A 212 12.91 9.17 -19.37
N THR A 213 11.85 9.45 -18.60
CA THR A 213 11.39 10.82 -18.39
C THR A 213 12.10 11.43 -17.19
N LYS A 214 12.65 12.62 -17.37
CA LYS A 214 13.19 13.43 -16.29
C LYS A 214 12.75 14.86 -16.55
N VAL A 215 11.93 15.41 -15.65
CA VAL A 215 11.37 16.74 -15.80
C VAL A 215 11.66 17.53 -14.54
N ASP A 216 12.19 18.75 -14.70
CA ASP A 216 12.40 19.69 -13.60
C ASP A 216 11.45 20.86 -13.84
N LYS A 217 10.48 21.02 -12.93
CA LYS A 217 9.39 21.96 -13.13
C LYS A 217 9.46 23.01 -12.04
N LYS A 218 9.82 24.24 -12.42
CA LYS A 218 9.85 25.33 -11.47
C LYS A 218 8.43 25.77 -11.12
N ILE A 219 8.19 26.07 -9.84
CA ILE A 219 6.88 26.54 -9.39
C ILE A 219 6.89 28.06 -9.41
N VAL A 220 6.00 28.66 -10.19
CA VAL A 220 5.91 30.12 -10.25
C VAL A 220 4.47 30.53 -10.05
N PRO A 221 4.22 31.78 -9.62
CA PRO A 221 2.83 32.25 -9.47
C PRO A 221 2.05 32.09 -10.76
N ARG A 222 0.78 31.72 -10.61
CA ARG A 222 -0.08 31.46 -11.75
C ARG A 222 -0.35 32.74 -12.52
N ASP A 223 -0.45 32.61 -13.85
CA ASP A 223 -0.73 33.75 -14.70
C ASP A 223 -2.18 34.20 -14.53
N ASP B 1 -11.49 -28.70 3.76
CA ASP B 1 -11.35 -27.23 3.73
C ASP B 1 -11.65 -26.64 5.10
N ILE B 2 -10.84 -25.69 5.55
CA ILE B 2 -11.08 -25.00 6.81
C ILE B 2 -11.07 -23.50 6.55
N GLN B 3 -12.20 -22.85 6.83
CA GLN B 3 -12.29 -21.41 6.73
C GLN B 3 -11.88 -20.76 8.04
N MET B 4 -11.28 -19.57 7.95
CA MET B 4 -10.80 -18.83 9.11
C MET B 4 -11.45 -17.45 9.13
N THR B 5 -12.11 -17.11 10.24
CA THR B 5 -12.78 -15.82 10.39
C THR B 5 -12.03 -14.99 11.42
N GLN B 6 -11.24 -14.03 10.93
CA GLN B 6 -10.40 -13.16 11.75
C GLN B 6 -11.07 -11.81 11.99
N SER B 7 -11.03 -11.35 13.22
CA SER B 7 -11.65 -10.07 13.58
C SER B 7 -10.78 -9.28 14.54
N PRO B 8 -10.76 -7.93 14.43
CA PRO B 8 -11.48 -7.13 13.43
C PRO B 8 -10.62 -6.80 12.22
N SER B 9 -11.21 -6.22 11.16
CA SER B 9 -10.39 -5.86 10.00
C SER B 9 -9.50 -4.65 10.30
N SER B 10 -9.88 -3.78 11.22
CA SER B 10 -9.05 -2.63 11.54
C SER B 10 -9.21 -2.26 13.01
N LEU B 11 -8.12 -1.78 13.60
CA LEU B 11 -8.05 -1.47 15.03
C LEU B 11 -7.20 -0.23 15.23
N SER B 12 -7.59 0.60 16.21
CA SER B 12 -6.78 1.70 16.69
C SER B 12 -6.37 1.40 18.13
N ALA B 13 -5.08 1.50 18.41
CA ALA B 13 -4.56 1.22 19.74
C ALA B 13 -3.75 2.40 20.25
N SER B 14 -3.82 2.62 21.55
CA SER B 14 -3.02 3.65 22.18
C SER B 14 -1.64 3.10 22.56
N LEU B 15 -0.64 3.97 22.49
CA LEU B 15 0.70 3.63 22.93
C LEU B 15 0.65 3.06 24.35
N GLY B 16 1.27 1.90 24.55
CA GLY B 16 1.24 1.25 25.85
C GLY B 16 -0.05 0.50 26.15
N GLY B 17 -1.02 0.51 25.24
CA GLY B 17 -2.26 -0.19 25.43
C GLY B 17 -2.15 -1.66 25.06
N LYS B 18 -3.32 -2.29 25.01
CA LYS B 18 -3.46 -3.72 24.76
C LYS B 18 -4.34 -3.93 23.56
N VAL B 19 -3.89 -4.78 22.64
CA VAL B 19 -4.62 -5.13 21.41
C VAL B 19 -5.05 -6.59 21.51
N THR B 20 -6.25 -6.90 21.01
CA THR B 20 -6.69 -8.30 20.89
C THR B 20 -7.25 -8.53 19.49
N ILE B 21 -6.81 -9.61 18.85
CA ILE B 21 -7.36 -10.11 17.60
C ILE B 21 -7.88 -11.51 17.84
N THR B 22 -9.05 -11.83 17.32
CA THR B 22 -9.60 -13.16 17.45
C THR B 22 -9.61 -13.87 16.10
N CYS B 23 -9.61 -15.19 16.14
CA CYS B 23 -9.67 -15.97 14.92
C CYS B 23 -10.50 -17.22 15.23
N LYS B 24 -11.51 -17.49 14.40
CA LYS B 24 -12.38 -18.65 14.57
C LYS B 24 -12.33 -19.54 13.33
N ALA B 25 -12.04 -20.83 13.54
CA ALA B 25 -11.95 -21.81 12.46
C ALA B 25 -13.28 -22.52 12.28
N SER B 26 -13.57 -22.92 11.03
CA SER B 26 -14.81 -23.64 10.76
C SER B 26 -14.82 -25.06 11.34
N GLN B 27 -13.66 -25.65 11.60
CA GLN B 27 -13.55 -26.94 12.29
C GLN B 27 -12.41 -26.87 13.30
N ASP B 28 -12.35 -27.87 14.18
CA ASP B 28 -11.25 -28.02 15.13
C ASP B 28 -9.92 -28.07 14.38
N ILE B 29 -8.99 -27.20 14.76
CA ILE B 29 -7.66 -27.20 14.15
C ILE B 29 -6.59 -27.62 15.15
N LYS B 30 -6.99 -28.11 16.32
CA LYS B 30 -6.05 -28.79 17.23
C LYS B 30 -4.81 -27.93 17.53
N LYS B 31 -5.02 -26.62 17.71
CA LYS B 31 -3.99 -25.64 18.08
C LYS B 31 -2.96 -25.38 16.99
N TYR B 32 -3.16 -25.89 15.78
CA TYR B 32 -2.24 -25.62 14.67
C TYR B 32 -2.61 -24.28 14.02
N ILE B 33 -2.29 -23.21 14.74
CA ILE B 33 -2.52 -21.84 14.26
C ILE B 33 -1.24 -21.04 14.46
N ALA B 34 -0.95 -20.15 13.50
CA ALA B 34 0.22 -19.30 13.59
C ALA B 34 -0.21 -17.87 13.28
N TRP B 35 0.58 -16.92 13.74
CA TRP B 35 0.31 -15.49 13.55
C TRP B 35 1.51 -14.81 12.92
N TYR B 36 1.24 -13.98 11.92
CA TYR B 36 2.26 -13.30 11.12
C TYR B 36 2.06 -11.79 11.21
N GLN B 37 3.17 -11.05 11.20
CA GLN B 37 3.21 -9.60 11.11
C GLN B 37 3.63 -9.21 9.70
N HIS B 38 2.99 -8.19 9.12
CA HIS B 38 3.34 -7.76 7.77
C HIS B 38 3.40 -6.24 7.69
N LYS B 39 4.55 -5.70 7.25
CA LYS B 39 4.70 -4.27 7.04
C LYS B 39 4.91 -3.95 5.57
N PRO B 40 4.47 -2.78 5.11
CA PRO B 40 4.54 -2.46 3.69
C PRO B 40 5.96 -2.57 3.15
N GLY B 41 6.09 -3.21 1.99
CA GLY B 41 7.37 -3.36 1.32
C GLY B 41 8.29 -4.41 1.90
N LYS B 42 7.82 -5.24 2.82
CA LYS B 42 8.65 -6.28 3.43
C LYS B 42 7.93 -7.61 3.39
N GLY B 43 8.70 -8.68 3.57
CA GLY B 43 8.13 -9.99 3.74
C GLY B 43 7.48 -10.10 5.10
N PRO B 44 6.42 -10.89 5.21
CA PRO B 44 5.83 -11.16 6.53
C PRO B 44 6.84 -11.81 7.47
N ARG B 45 6.48 -11.84 8.76
CA ARG B 45 7.37 -12.37 9.80
C ARG B 45 6.55 -13.24 10.74
N LEU B 46 6.98 -14.49 10.91
CA LEU B 46 6.31 -15.38 11.86
C LEU B 46 6.55 -14.89 13.29
N LEU B 47 5.47 -14.73 14.05
CA LEU B 47 5.54 -14.35 15.46
C LEU B 47 5.31 -15.52 16.40
N ILE B 48 4.25 -16.29 16.16
CA ILE B 48 3.78 -17.34 17.07
C ILE B 48 3.29 -18.49 16.21
N HIS B 49 3.57 -19.73 16.65
CA HIS B 49 2.93 -20.88 16.03
C HIS B 49 2.50 -21.83 17.15
N TYR B 50 1.74 -22.85 16.76
CA TYR B 50 1.07 -23.74 17.70
C TYR B 50 0.37 -22.95 18.80
N THR B 51 -0.45 -21.96 18.39
CA THR B 51 -1.33 -21.19 19.27
C THR B 51 -0.62 -20.19 20.20
N SER B 52 0.40 -20.63 20.94
CA SER B 52 1.00 -19.76 21.95
C SER B 52 2.53 -19.77 21.96
N THR B 53 3.19 -20.43 21.02
CA THR B 53 4.63 -20.59 21.10
C THR B 53 5.34 -19.48 20.32
N LEU B 54 6.01 -18.59 21.04
CA LEU B 54 6.77 -17.50 20.45
C LEU B 54 8.00 -18.03 19.73
N GLN B 55 8.28 -17.47 18.56
CA GLN B 55 9.56 -17.76 17.93
C GLN B 55 10.69 -17.06 18.67
N PRO B 56 11.90 -17.62 18.63
CA PRO B 56 13.03 -16.99 19.32
C PRO B 56 13.27 -15.59 18.76
N GLY B 57 13.44 -14.62 19.66
CA GLY B 57 13.65 -13.24 19.29
C GLY B 57 12.41 -12.38 19.34
N ILE B 58 11.24 -12.98 19.23
CA ILE B 58 10.00 -12.20 19.23
C ILE B 58 9.73 -11.67 20.63
N PRO B 59 9.37 -10.40 20.79
CA PRO B 59 9.16 -9.83 22.12
C PRO B 59 8.00 -10.47 22.86
N SER B 60 8.16 -10.56 24.19
CA SER B 60 7.18 -11.18 25.10
C SER B 60 5.85 -10.44 25.14
N ARG B 61 5.77 -9.22 24.63
CA ARG B 61 4.48 -8.55 24.64
C ARG B 61 3.50 -9.12 23.63
N PHE B 62 3.96 -9.97 22.71
CA PHE B 62 3.06 -10.76 21.87
C PHE B 62 2.69 -12.05 22.61
N SER B 63 1.43 -12.46 22.49
CA SER B 63 0.99 -13.71 23.09
C SER B 63 -0.20 -14.27 22.30
N GLY B 64 -0.48 -15.55 22.53
CA GLY B 64 -1.58 -16.21 21.85
C GLY B 64 -2.20 -17.25 22.75
N SER B 65 -3.49 -17.50 22.56
CA SER B 65 -4.18 -18.48 23.38
C SER B 65 -5.31 -19.09 22.57
N GLY B 66 -5.77 -20.26 23.01
CA GLY B 66 -6.88 -20.90 22.34
C GLY B 66 -6.82 -22.41 22.26
N SER B 67 -7.87 -23.00 21.72
CA SER B 67 -8.01 -24.45 21.57
C SER B 67 -9.21 -24.68 20.68
N GLY B 68 -9.33 -25.89 20.16
CA GLY B 68 -10.52 -26.24 19.38
C GLY B 68 -10.65 -25.36 18.15
N ARG B 69 -11.73 -24.56 18.09
CA ARG B 69 -12.00 -23.66 16.97
C ARG B 69 -11.74 -22.19 17.27
N ASP B 70 -11.46 -21.82 18.52
CA ASP B 70 -11.46 -20.42 18.94
C ASP B 70 -10.08 -20.01 19.43
N TYR B 71 -9.54 -18.93 18.87
CA TYR B 71 -8.17 -18.51 19.15
C TYR B 71 -8.11 -17.00 19.23
N SER B 72 -7.10 -16.49 19.94
CA SER B 72 -6.85 -15.06 19.98
C SER B 72 -5.36 -14.78 20.01
N PHE B 73 -5.03 -13.54 19.70
CA PHE B 73 -3.67 -13.02 19.65
C PHE B 73 -3.69 -11.66 20.33
N SER B 74 -2.70 -11.39 21.17
CA SER B 74 -2.67 -10.17 21.96
C SER B 74 -1.31 -9.49 21.85
N ILE B 75 -1.34 -8.16 21.86
CA ILE B 75 -0.15 -7.32 22.06
C ILE B 75 -0.39 -6.47 23.32
N SER B 76 0.46 -6.61 24.32
CA SER B 76 0.40 -5.74 25.49
C SER B 76 1.55 -4.74 25.43
N ASN B 77 1.40 -3.65 26.18
CA ASN B 77 2.40 -2.58 26.24
C ASN B 77 2.84 -2.17 24.84
N LEU B 78 1.86 -1.92 23.98
CA LEU B 78 2.12 -1.75 22.55
C LEU B 78 3.10 -0.62 22.31
N GLU B 79 4.05 -0.85 21.40
CA GLU B 79 5.08 0.09 20.97
C GLU B 79 4.88 0.49 19.52
N PRO B 80 5.43 1.62 19.09
CA PRO B 80 5.17 2.09 17.70
C PRO B 80 5.59 1.09 16.64
N VAL B 81 6.66 0.33 16.87
CA VAL B 81 7.11 -0.67 15.89
C VAL B 81 6.10 -1.80 15.69
N ASP B 82 5.13 -1.95 16.58
CA ASP B 82 4.11 -2.97 16.43
C ASP B 82 2.98 -2.56 15.49
N ILE B 83 2.94 -1.32 15.02
CA ILE B 83 1.92 -0.92 14.06
C ILE B 83 2.19 -1.64 12.74
N ALA B 84 1.26 -2.49 12.31
CA ALA B 84 1.42 -3.32 11.12
C ALA B 84 0.09 -4.00 10.81
N THR B 85 0.09 -4.90 9.83
CA THR B 85 -1.05 -5.77 9.57
C THR B 85 -0.70 -7.17 10.07
N TYR B 86 -1.68 -7.84 10.69
CA TYR B 86 -1.47 -9.13 11.32
C TYR B 86 -2.41 -10.16 10.70
N TYR B 87 -1.93 -11.40 10.53
CA TYR B 87 -2.69 -12.49 9.92
C TYR B 87 -2.57 -13.76 10.76
N CYS B 88 -3.69 -14.44 10.97
CA CYS B 88 -3.66 -15.81 11.48
C CYS B 88 -3.60 -16.80 10.32
N LEU B 89 -3.14 -18.01 10.63
CA LEU B 89 -2.96 -19.07 9.63
C LEU B 89 -3.28 -20.39 10.33
N GLN B 90 -4.22 -21.18 9.80
CA GLN B 90 -4.37 -22.57 10.22
C GLN B 90 -3.58 -23.48 9.27
N TYR B 91 -3.00 -24.54 9.83
CA TYR B 91 -2.22 -25.51 9.07
C TYR B 91 -2.51 -26.93 9.57
N ASP B 92 -3.73 -27.16 10.06
CA ASP B 92 -4.17 -28.49 10.45
C ASP B 92 -4.57 -29.32 9.24
N ASN B 93 -5.18 -28.69 8.24
CA ASN B 93 -5.60 -29.39 7.03
C ASN B 93 -5.47 -28.41 5.88
N LEU B 94 -4.45 -28.61 5.04
CA LEU B 94 -4.01 -27.58 4.11
C LEU B 94 -3.68 -26.32 4.92
N LEU B 95 -3.60 -25.17 4.27
CA LEU B 95 -3.33 -23.91 4.96
C LEU B 95 -4.40 -22.90 4.59
N THR B 96 -4.81 -22.07 5.54
CA THR B 96 -5.79 -21.00 5.29
C THR B 96 -5.44 -19.79 6.14
N PHE B 97 -5.24 -18.64 5.48
CA PHE B 97 -5.01 -17.37 6.16
C PHE B 97 -6.35 -16.73 6.49
N GLY B 98 -6.40 -16.07 7.64
CA GLY B 98 -7.48 -15.16 7.93
C GLY B 98 -7.34 -13.88 7.12
N ALA B 99 -8.41 -13.05 7.14
CA ALA B 99 -8.46 -11.91 6.23
C ALA B 99 -7.52 -10.77 6.60
N GLY B 100 -7.02 -10.73 7.84
CA GLY B 100 -6.05 -9.73 8.21
C GLY B 100 -6.65 -8.62 9.10
N THR B 101 -5.81 -8.05 9.96
CA THR B 101 -6.17 -6.95 10.84
C THR B 101 -5.17 -5.81 10.68
N LYS B 102 -5.64 -4.62 10.30
CA LYS B 102 -4.76 -3.47 10.18
C LYS B 102 -4.77 -2.66 11.47
N LEU B 103 -3.60 -2.45 12.07
CA LEU B 103 -3.44 -1.62 13.26
C LEU B 103 -3.06 -0.18 12.89
N GLU B 104 -3.58 0.77 13.63
CA GLU B 104 -3.09 2.15 13.60
C GLU B 104 -2.88 2.64 15.03
N LEU B 105 -2.04 3.66 15.16
CA LEU B 105 -1.68 4.21 16.47
C LEU B 105 -2.62 5.36 16.81
N LYS B 106 -3.33 5.24 17.93
CA LYS B 106 -4.25 6.27 18.37
C LYS B 106 -3.46 7.44 18.96
N ARG B 107 -3.71 8.64 18.45
CA ARG B 107 -2.99 9.82 18.93
C ARG B 107 -3.97 10.95 19.18
N ALA B 108 -3.44 12.09 19.59
CA ALA B 108 -4.25 13.27 19.81
C ALA B 108 -4.79 13.79 18.48
N ASP B 109 -6.02 14.29 18.50
CA ASP B 109 -6.63 14.86 17.31
C ASP B 109 -5.79 16.00 16.75
N ALA B 110 -5.92 16.20 15.44
CA ALA B 110 -5.26 17.30 14.77
C ALA B 110 -6.12 17.71 13.58
N ALA B 111 -6.35 19.02 13.45
CA ALA B 111 -7.12 19.54 12.32
C ALA B 111 -6.21 19.67 11.10
N PRO B 112 -6.74 19.44 9.90
CA PRO B 112 -5.88 19.50 8.70
C PRO B 112 -5.52 20.94 8.34
N THR B 113 -4.32 21.10 7.81
CA THR B 113 -3.94 22.28 7.05
C THR B 113 -4.37 22.05 5.60
N VAL B 114 -5.22 22.95 5.09
CA VAL B 114 -5.86 22.76 3.79
C VAL B 114 -5.31 23.78 2.79
N SER B 115 -5.02 23.29 1.57
CA SER B 115 -4.47 24.10 0.49
C SER B 115 -5.19 23.71 -0.80
N ILE B 116 -5.55 24.69 -1.62
CA ILE B 116 -6.24 24.45 -2.89
C ILE B 116 -5.44 25.08 -4.01
N PHE B 117 -5.42 24.41 -5.17
CA PHE B 117 -4.59 24.81 -6.29
C PHE B 117 -5.39 24.80 -7.57
N PRO B 118 -5.33 25.87 -8.37
CA PRO B 118 -6.00 25.89 -9.70
C PRO B 118 -5.25 25.05 -10.71
N PRO B 119 -5.90 24.65 -11.81
CA PRO B 119 -5.16 24.09 -12.96
C PRO B 119 -4.05 25.00 -13.43
N SER B 120 -2.94 24.38 -13.84
CA SER B 120 -1.81 25.12 -14.35
C SER B 120 -2.06 25.58 -15.78
N SER B 121 -1.34 26.62 -16.19
CA SER B 121 -1.39 27.06 -17.58
C SER B 121 -0.99 25.92 -18.52
N GLU B 122 -0.02 25.12 -18.11
CA GLU B 122 0.43 24.00 -18.94
C GLU B 122 -0.69 22.99 -19.17
N GLN B 123 -1.43 22.63 -18.12
CA GLN B 123 -2.50 21.66 -18.34
C GLN B 123 -3.63 22.25 -19.16
N LEU B 124 -3.89 23.55 -19.02
CA LEU B 124 -5.01 24.14 -19.78
C LEU B 124 -4.72 24.23 -21.27
N THR B 125 -3.48 24.01 -21.71
CA THR B 125 -3.26 23.92 -23.15
C THR B 125 -3.67 22.58 -23.71
N SER B 126 -4.14 21.66 -22.87
CA SER B 126 -4.46 20.30 -23.28
C SER B 126 -5.95 19.97 -23.25
N GLY B 127 -6.81 20.93 -22.89
CA GLY B 127 -8.24 20.63 -22.84
C GLY B 127 -8.72 19.86 -21.63
N GLY B 128 -7.86 19.63 -20.63
CA GLY B 128 -8.27 19.07 -19.37
C GLY B 128 -7.91 20.03 -18.26
N ALA B 129 -8.49 19.87 -17.07
CA ALA B 129 -8.25 20.83 -15.99
C ALA B 129 -8.44 20.11 -14.66
N SER B 130 -7.39 20.09 -13.84
CA SER B 130 -7.45 19.44 -12.54
C SER B 130 -7.32 20.48 -11.44
N VAL B 131 -8.24 20.47 -10.49
CA VAL B 131 -8.16 21.28 -9.28
C VAL B 131 -7.75 20.35 -8.16
N VAL B 132 -6.76 20.76 -7.38
CA VAL B 132 -6.16 19.88 -6.37
C VAL B 132 -6.32 20.52 -5.01
N CYS B 133 -6.61 19.69 -4.01
CA CYS B 133 -6.71 20.11 -2.62
C CYS B 133 -5.85 19.17 -1.78
N PHE B 134 -4.95 19.73 -0.98
CA PHE B 134 -4.15 18.94 -0.04
C PHE B 134 -4.67 19.18 1.37
N LEU B 135 -4.74 18.11 2.16
CA LEU B 135 -5.16 18.20 3.55
C LEU B 135 -4.08 17.50 4.34
N ASN B 136 -3.26 18.27 5.05
CA ASN B 136 -2.05 17.73 5.65
C ASN B 136 -2.13 17.67 7.17
N ASN B 137 -1.56 16.60 7.73
CA ASN B 137 -1.27 16.46 9.16
C ASN B 137 -2.54 16.49 10.02
N PHE B 138 -3.46 15.57 9.70
CA PHE B 138 -4.69 15.48 10.46
C PHE B 138 -4.85 14.09 11.11
N TYR B 139 -5.68 14.06 12.15
CA TYR B 139 -6.05 12.82 12.82
C TYR B 139 -7.40 13.01 13.48
N PRO B 140 -8.34 12.06 13.36
CA PRO B 140 -8.20 10.73 12.74
C PRO B 140 -8.18 10.74 11.22
N ARG B 141 -8.03 9.54 10.64
CA ARG B 141 -8.05 9.40 9.18
C ARG B 141 -9.43 9.67 8.61
N ASP B 142 -10.46 9.50 9.42
CA ASP B 142 -11.86 9.66 9.00
C ASP B 142 -12.16 11.13 8.77
N ILE B 143 -12.25 11.52 7.50
CA ILE B 143 -12.45 12.91 7.12
C ILE B 143 -13.38 12.94 5.91
N ASN B 144 -14.19 13.99 5.82
CA ASN B 144 -15.13 14.14 4.72
C ASN B 144 -14.71 15.38 3.92
N VAL B 145 -14.29 15.18 2.68
CA VAL B 145 -13.93 16.30 1.81
C VAL B 145 -15.05 16.48 0.78
N LYS B 146 -15.49 17.73 0.62
CA LYS B 146 -16.51 18.05 -0.37
C LYS B 146 -15.97 19.15 -1.28
N TRP B 147 -16.22 18.99 -2.59
CA TRP B 147 -15.94 20.02 -3.57
C TRP B 147 -17.23 20.81 -3.85
N LYS B 148 -17.11 22.14 -3.90
CA LYS B 148 -18.24 22.99 -4.30
C LYS B 148 -17.81 23.91 -5.42
N ILE B 149 -18.64 23.99 -6.46
CA ILE B 149 -18.37 24.79 -7.65
C ILE B 149 -19.51 25.78 -7.76
N ASP B 150 -19.18 27.07 -7.62
CA ASP B 150 -20.18 28.14 -7.62
C ASP B 150 -21.29 27.83 -6.61
N GLY B 151 -20.90 27.25 -5.47
CA GLY B 151 -21.80 26.98 -4.37
C GLY B 151 -22.41 25.60 -4.35
N SER B 152 -22.34 24.86 -5.45
CA SER B 152 -23.02 23.57 -5.54
C SER B 152 -22.02 22.43 -5.38
N GLU B 153 -22.40 21.43 -4.59
CA GLU B 153 -21.55 20.28 -4.35
C GLU B 153 -21.34 19.52 -5.65
N ARG B 154 -20.08 19.16 -5.91
CA ARG B 154 -19.72 18.31 -7.04
C ARG B 154 -19.14 17.03 -6.47
N GLN B 155 -19.80 15.89 -6.73
CA GLN B 155 -19.40 14.62 -6.15
C GLN B 155 -18.66 13.74 -7.12
N ASN B 156 -18.83 13.95 -8.41
CA ASN B 156 -18.33 13.05 -9.43
C ASN B 156 -17.14 13.67 -10.13
N GLY B 157 -16.15 12.84 -10.45
CA GLY B 157 -14.92 13.33 -11.03
C GLY B 157 -13.83 13.58 -10.01
N VAL B 158 -14.00 13.10 -8.78
CA VAL B 158 -13.07 13.34 -7.69
C VAL B 158 -12.35 12.04 -7.40
N LEU B 159 -11.02 12.12 -7.24
CA LEU B 159 -10.19 11.00 -6.81
C LEU B 159 -9.37 11.42 -5.59
N ASN B 160 -9.32 10.53 -4.59
CA ASN B 160 -8.64 10.80 -3.32
C ASN B 160 -7.52 9.79 -3.09
N SER B 161 -6.45 10.25 -2.44
CA SER B 161 -5.34 9.41 -2.05
C SER B 161 -4.86 9.77 -0.65
N TRP B 162 -4.68 8.75 0.20
CA TRP B 162 -4.22 8.91 1.58
C TRP B 162 -2.80 8.38 1.71
N THR B 163 -1.96 9.12 2.43
CA THR B 163 -0.69 8.52 2.83
C THR B 163 -0.92 7.53 3.96
N ASP B 164 0.11 6.72 4.23
CA ASP B 164 0.15 5.92 5.43
C ASP B 164 0.26 6.81 6.65
N GLN B 165 -0.03 6.25 7.81
CA GLN B 165 0.09 7.01 9.04
C GLN B 165 1.55 7.39 9.28
N ASP B 166 1.79 8.64 9.65
CA ASP B 166 3.15 9.15 9.70
C ASP B 166 3.93 8.48 10.83
N SER B 167 5.15 8.04 10.53
CA SER B 167 5.97 7.35 11.53
C SER B 167 6.56 8.29 12.56
N LYS B 168 6.51 9.60 12.35
CA LYS B 168 7.08 10.56 13.28
C LYS B 168 6.06 11.26 14.18
N ASP B 169 4.82 11.45 13.72
CA ASP B 169 3.81 12.06 14.57
C ASP B 169 2.42 11.46 14.45
N SER B 170 2.25 10.39 13.65
CA SER B 170 1.05 9.56 13.63
C SER B 170 -0.15 10.23 13.00
N THR B 171 0.06 11.31 12.26
CA THR B 171 -1.01 11.97 11.53
C THR B 171 -1.12 11.40 10.12
N TYR B 172 -2.15 11.82 9.40
CA TYR B 172 -2.38 11.43 8.03
C TYR B 172 -2.29 12.64 7.10
N ASN B 173 -2.07 12.37 5.82
CA ASN B 173 -2.21 13.39 4.79
C ASN B 173 -3.11 12.86 3.69
N MET B 174 -3.75 13.77 2.98
CA MET B 174 -4.68 13.35 1.94
C MET B 174 -4.64 14.35 0.79
N SER B 175 -4.84 13.82 -0.42
CA SER B 175 -4.90 14.58 -1.66
C SER B 175 -6.23 14.28 -2.30
N SER B 176 -6.95 15.32 -2.76
CA SER B 176 -8.23 15.17 -3.45
C SER B 176 -8.14 15.93 -4.76
N THR B 177 -8.43 15.28 -5.87
CA THR B 177 -8.34 15.92 -7.18
C THR B 177 -9.68 15.84 -7.89
N LEU B 178 -10.12 16.98 -8.40
CA LEU B 178 -11.31 17.12 -9.21
C LEU B 178 -10.83 17.39 -10.63
N THR B 179 -11.09 16.47 -11.55
CA THR B 179 -10.66 16.61 -12.93
C THR B 179 -11.86 16.89 -13.80
N LEU B 180 -11.77 17.98 -14.56
CA LEU B 180 -12.85 18.45 -15.41
C LEU B 180 -12.32 18.59 -16.82
N THR B 181 -13.24 18.77 -17.77
CA THR B 181 -12.81 19.29 -19.06
C THR B 181 -12.46 20.76 -18.90
N LYS B 182 -11.64 21.26 -19.84
CA LYS B 182 -11.25 22.66 -19.82
C LYS B 182 -12.46 23.58 -19.96
N ASP B 183 -13.42 23.24 -20.81
CA ASP B 183 -14.58 24.12 -20.94
C ASP B 183 -15.48 24.07 -19.70
N GLU B 184 -15.63 22.89 -19.10
CA GLU B 184 -16.32 22.80 -17.81
C GLU B 184 -15.66 23.71 -16.78
N TYR B 185 -14.34 23.62 -16.63
CA TYR B 185 -13.61 24.50 -15.72
C TYR B 185 -13.85 25.97 -16.06
N GLU B 186 -13.86 26.33 -17.34
CA GLU B 186 -13.99 27.74 -17.68
C GLU B 186 -15.43 28.26 -17.54
N ARG B 187 -16.39 27.39 -17.26
CA ARG B 187 -17.78 27.80 -17.07
C ARG B 187 -18.05 28.36 -15.69
N HIS B 188 -17.13 28.20 -14.75
CA HIS B 188 -17.41 28.54 -13.37
C HIS B 188 -16.29 29.43 -12.84
N ASN B 189 -16.59 30.23 -11.82
CA ASN B 189 -15.54 31.07 -11.25
C ASN B 189 -15.07 30.65 -9.88
N SER B 190 -15.97 30.17 -9.02
CA SER B 190 -15.62 29.89 -7.62
C SER B 190 -15.44 28.40 -7.41
N TYR B 191 -14.27 28.01 -6.87
CA TYR B 191 -13.94 26.63 -6.57
C TYR B 191 -13.54 26.53 -5.11
N THR B 192 -14.12 25.56 -4.40
CA THR B 192 -13.98 25.39 -2.96
C THR B 192 -13.76 23.93 -2.62
N CYS B 193 -12.81 23.64 -1.73
CA CYS B 193 -12.78 22.34 -1.06
C CYS B 193 -12.99 22.60 0.42
N GLU B 194 -13.89 21.81 1.02
CA GLU B 194 -14.20 21.95 2.44
C GLU B 194 -14.07 20.59 3.12
N ALA B 195 -13.47 20.59 4.29
CA ALA B 195 -13.21 19.36 5.03
C ALA B 195 -13.97 19.40 6.33
N THR B 196 -14.72 18.33 6.61
CA THR B 196 -15.43 18.16 7.86
C THR B 196 -14.70 17.10 8.67
N HIS B 197 -14.36 17.45 9.91
CA HIS B 197 -13.46 16.65 10.71
C HIS B 197 -13.83 16.84 12.18
N LYS B 198 -13.47 15.83 12.99
CA LYS B 198 -13.77 15.88 14.42
C LYS B 198 -13.20 17.11 15.10
N THR B 199 -12.15 17.69 14.54
CA THR B 199 -11.39 18.74 15.21
C THR B 199 -12.01 20.12 15.06
N SER B 200 -13.20 20.24 14.45
CA SER B 200 -13.85 21.53 14.25
C SER B 200 -15.34 21.30 14.06
N THR B 201 -16.14 22.23 14.60
CA THR B 201 -17.59 22.11 14.45
C THR B 201 -18.03 22.53 13.05
N SER B 202 -17.45 23.62 12.53
CA SER B 202 -17.64 24.17 11.20
C SER B 202 -16.53 23.69 10.26
N PRO B 203 -16.83 23.55 8.97
CA PRO B 203 -15.85 23.01 8.03
C PRO B 203 -14.67 23.95 7.83
N ILE B 204 -13.53 23.36 7.52
CA ILE B 204 -12.36 24.11 7.07
C ILE B 204 -12.50 24.30 5.57
N VAL B 205 -12.59 25.56 5.14
CA VAL B 205 -12.94 25.94 3.78
C VAL B 205 -11.76 26.65 3.14
N LYS B 206 -11.45 26.29 1.91
CA LYS B 206 -10.41 26.96 1.12
C LYS B 206 -10.96 27.14 -0.29
N SER B 207 -10.85 28.35 -0.83
CA SER B 207 -11.46 28.68 -2.11
C SER B 207 -10.51 29.51 -2.95
N PHE B 208 -10.78 29.54 -4.25
CA PHE B 208 -10.20 30.54 -5.15
C PHE B 208 -11.26 30.91 -6.16
N ASN B 209 -11.01 32.03 -6.86
CA ASN B 209 -11.86 32.52 -7.94
C ASN B 209 -11.04 32.52 -9.21
N ARG B 210 -11.58 31.87 -10.26
CA ARG B 210 -10.81 31.59 -11.47
C ARG B 210 -10.36 32.88 -12.15
N ASN B 211 -11.21 33.90 -12.14
CA ASN B 211 -10.89 35.17 -12.77
C ASN B 211 -10.12 36.12 -11.86
N GLU B 212 -9.56 35.60 -10.77
CA GLU B 212 -8.84 36.42 -9.81
C GLU B 212 -7.61 35.68 -9.30
#